data_1T27
#
_entry.id   1T27
#
_cell.length_a   43.914
_cell.length_b   73.773
_cell.length_c   48.185
_cell.angle_alpha   90.00
_cell.angle_beta   114.73
_cell.angle_gamma   90.00
#
_symmetry.space_group_name_H-M   'P 1 21 1'
#
loop_
_entity.id
_entity.type
_entity.pdbx_description
1 polymer 'Phosphatidylinositol transfer protein alpha isoform'
2 non-polymer 1,2-DIOLEOYL-SN-GLYCERO-3-PHOSPHOCHOLINE
3 water water
#
_entity_poly.entity_id   1
_entity_poly.type   'polypeptide(L)'
_entity_poly.pdbx_seq_one_letter_code
;MVLLKEYRVILPVSVDEYQVGQLYSVAEASKNETGGGEGVEVLVNEPYEKDDGEKGQYTHKIYHLQSKVPTFVRMLAPEG
ALNIHEKAWNAYPYCRTVITNEYMKEDFLIKIETWHKPDLGTQENVHKLEPEAWKHVEAIYIDIADRSQVLSKDYKAEED
PAKFKSIKTGRGPLGPNWKQELVNQKDCPYMCAYKLVTVKFKWWGLQNKVENFIHKQEKRLFTNFHRQLFCWLDKWVDLT
MDDIRRMEEETKRQLDEMRQKDPVKGMTADD
;
_entity_poly.pdbx_strand_id   A
#
loop_
_chem_comp.id
_chem_comp.type
_chem_comp.name
_chem_comp.formula
PCW non-polymer 1,2-DIOLEOYL-SN-GLYCERO-3-PHOSPHOCHOLINE 'C44 H85 N O8 P 1'
#
# COMPACT_ATOMS: atom_id res chain seq x y z
N VAL A 2 -13.79 -4.28 -15.60
CA VAL A 2 -12.46 -3.78 -15.14
C VAL A 2 -12.52 -2.31 -14.76
N LEU A 3 -12.18 -2.02 -13.51
CA LEU A 3 -12.25 -0.67 -12.98
C LEU A 3 -10.88 -0.08 -12.61
N LEU A 4 -10.47 0.98 -13.30
CA LEU A 4 -9.19 1.63 -13.03
C LEU A 4 -9.34 2.98 -12.34
N LYS A 5 -8.45 3.22 -11.39
CA LYS A 5 -8.42 4.48 -10.64
C LYS A 5 -6.98 4.75 -10.28
N GLU A 6 -6.60 6.02 -10.22
CA GLU A 6 -5.25 6.36 -9.84
C GLU A 6 -5.27 7.14 -8.56
N TYR A 7 -4.65 6.60 -7.53
CA TYR A 7 -4.58 7.26 -6.23
C TYR A 7 -3.25 8.00 -6.15
N ARG A 8 -3.32 9.32 -5.96
CA ARG A 8 -2.12 10.15 -5.87
C ARG A 8 -1.93 10.54 -4.40
N VAL A 9 -0.80 10.14 -3.84
CA VAL A 9 -0.51 10.43 -2.45
C VAL A 9 0.70 11.36 -2.30
N ILE A 10 0.43 12.62 -1.99
CA ILE A 10 1.49 13.60 -1.77
C ILE A 10 1.98 13.38 -0.35
N LEU A 11 3.29 13.38 -0.15
CA LEU A 11 3.85 13.16 1.17
C LEU A 11 4.95 14.14 1.49
N PRO A 12 5.10 14.51 2.78
CA PRO A 12 6.15 15.44 3.18
C PRO A 12 7.47 14.71 3.42
N VAL A 13 7.87 13.88 2.46
CA VAL A 13 9.14 13.16 2.50
C VAL A 13 9.71 13.12 1.09
N SER A 14 11.02 12.97 0.96
CA SER A 14 11.63 12.94 -0.37
C SER A 14 11.45 11.57 -1.01
N VAL A 15 11.71 11.49 -2.31
CA VAL A 15 11.60 10.24 -3.05
C VAL A 15 12.54 9.17 -2.45
N ASP A 16 13.77 9.57 -2.14
CA ASP A 16 14.73 8.65 -1.57
C ASP A 16 14.31 8.14 -0.20
N GLU A 17 13.81 9.02 0.66
CA GLU A 17 13.37 8.61 2.00
C GLU A 17 12.20 7.63 1.92
N TYR A 18 11.28 7.88 0.99
CA TYR A 18 10.11 7.02 0.86
C TYR A 18 10.50 5.58 0.56
N GLN A 19 11.55 5.39 -0.23
CA GLN A 19 11.99 4.05 -0.56
C GLN A 19 12.24 3.23 0.72
N VAL A 20 12.78 3.89 1.74
CA VAL A 20 13.05 3.23 3.01
C VAL A 20 11.79 3.16 3.87
N GLY A 21 11.07 4.28 3.94
CA GLY A 21 9.85 4.33 4.73
C GLY A 21 8.80 3.33 4.33
N GLN A 22 8.68 3.12 3.01
CA GLN A 22 7.70 2.18 2.49
C GLN A 22 8.05 0.73 2.86
N LEU A 23 9.33 0.39 2.74
CA LEU A 23 9.75 -0.97 3.07
C LEU A 23 9.62 -1.20 4.57
N TYR A 24 9.97 -0.19 5.36
CA TYR A 24 9.84 -0.30 6.81
C TYR A 24 8.37 -0.46 7.20
N SER A 25 7.52 0.40 6.64
CA SER A 25 6.09 0.41 6.96
C SER A 25 5.35 -0.84 6.49
N VAL A 26 5.78 -1.40 5.38
CA VAL A 26 5.13 -2.61 4.91
C VAL A 26 5.41 -3.75 5.89
N ALA A 27 6.64 -3.79 6.41
CA ALA A 27 7.03 -4.82 7.37
C ALA A 27 6.15 -4.73 8.61
N GLU A 28 6.01 -3.52 9.17
CA GLU A 28 5.21 -3.31 10.36
C GLU A 28 3.71 -3.54 10.15
N ALA A 29 3.19 -3.07 9.01
CA ALA A 29 1.78 -3.25 8.69
C ALA A 29 1.45 -4.73 8.49
N SER A 30 2.36 -5.50 7.90
CA SER A 30 2.13 -6.92 7.67
C SER A 30 2.05 -7.64 9.01
N LYS A 31 3.01 -7.37 9.89
CA LYS A 31 3.02 -7.99 11.20
C LYS A 31 1.78 -7.64 12.01
N ASN A 32 1.33 -6.38 11.94
CA ASN A 32 0.16 -5.96 12.69
C ASN A 32 -1.10 -6.72 12.28
N GLU A 33 -1.10 -7.31 11.08
CA GLU A 33 -2.26 -8.04 10.57
C GLU A 33 -2.07 -9.56 10.58
N THR A 34 -0.92 -10.03 11.05
CA THR A 34 -0.63 -11.46 11.02
C THR A 34 -0.69 -12.26 12.31
N GLY A 35 -1.42 -13.36 12.25
CA GLY A 35 -1.57 -14.24 13.40
C GLY A 35 -2.74 -15.17 13.19
N GLY A 36 -2.81 -16.22 14.00
CA GLY A 36 -3.90 -17.19 13.92
C GLY A 36 -4.14 -17.74 12.54
N GLY A 37 -3.07 -17.99 11.79
CA GLY A 37 -3.22 -18.54 10.44
C GLY A 37 -3.45 -17.53 9.33
N GLU A 38 -3.80 -16.30 9.66
CA GLU A 38 -4.04 -15.31 8.62
C GLU A 38 -2.96 -14.23 8.60
N GLY A 39 -2.97 -13.41 7.56
CA GLY A 39 -1.97 -12.38 7.43
C GLY A 39 -1.02 -12.61 6.26
N VAL A 40 0.18 -12.05 6.38
CA VAL A 40 1.19 -12.13 5.33
C VAL A 40 2.23 -13.25 5.45
N GLU A 41 2.57 -13.86 4.32
CA GLU A 41 3.59 -14.89 4.27
C GLU A 41 4.48 -14.53 3.09
N VAL A 42 5.75 -14.26 3.37
CA VAL A 42 6.70 -13.91 2.32
C VAL A 42 7.37 -15.17 1.77
N LEU A 43 7.07 -15.50 0.51
CA LEU A 43 7.61 -16.69 -0.15
C LEU A 43 8.95 -16.45 -0.84
N VAL A 44 9.05 -15.35 -1.59
CA VAL A 44 10.27 -15.01 -2.30
C VAL A 44 10.57 -13.52 -2.09
N ASN A 45 11.84 -13.21 -1.98
CA ASN A 45 12.31 -11.84 -1.80
C ASN A 45 13.73 -11.85 -2.35
N GLU A 46 13.84 -11.72 -3.67
CA GLU A 46 15.12 -11.75 -4.34
C GLU A 46 15.35 -10.59 -5.29
N PRO A 47 16.62 -10.21 -5.50
CA PRO A 47 16.89 -9.12 -6.42
C PRO A 47 16.72 -9.73 -7.80
N TYR A 48 16.30 -8.95 -8.79
CA TYR A 48 16.11 -9.49 -10.13
C TYR A 48 16.64 -8.52 -11.20
N GLU A 49 16.72 -9.00 -12.44
CA GLU A 49 17.18 -8.20 -13.57
C GLU A 49 16.55 -8.74 -14.84
N LYS A 50 15.73 -7.94 -15.51
CA LYS A 50 15.08 -8.38 -16.74
C LYS A 50 16.01 -8.23 -17.93
N ASP A 51 15.58 -8.75 -19.09
CA ASP A 51 16.37 -8.66 -20.30
C ASP A 51 16.72 -7.21 -20.61
N ASP A 52 15.71 -6.35 -20.58
CA ASP A 52 15.88 -4.93 -20.86
C ASP A 52 16.83 -4.20 -19.93
N GLY A 53 17.30 -4.88 -18.90
CA GLY A 53 18.23 -4.24 -17.97
C GLY A 53 17.59 -3.72 -16.69
N GLU A 54 16.26 -3.64 -16.64
CA GLU A 54 15.59 -3.16 -15.44
C GLU A 54 16.02 -3.99 -14.25
N LYS A 55 16.48 -3.32 -13.19
CA LYS A 55 16.91 -4.02 -12.00
C LYS A 55 16.01 -3.62 -10.84
N GLY A 56 15.86 -4.49 -9.87
CA GLY A 56 15.02 -4.17 -8.73
C GLY A 56 14.91 -5.29 -7.73
N GLN A 57 13.87 -5.25 -6.91
CA GLN A 57 13.64 -6.28 -5.90
C GLN A 57 12.32 -6.99 -6.18
N TYR A 58 12.39 -8.31 -6.22
CA TYR A 58 11.22 -9.12 -6.46
C TYR A 58 10.75 -9.77 -5.17
N THR A 59 9.44 -9.73 -4.96
CA THR A 59 8.86 -10.35 -3.78
C THR A 59 7.59 -11.08 -4.20
N HIS A 60 7.39 -12.24 -3.59
CA HIS A 60 6.21 -13.03 -3.84
C HIS A 60 5.67 -13.26 -2.45
N LYS A 61 4.42 -12.85 -2.21
CA LYS A 61 3.80 -13.03 -0.91
C LYS A 61 2.40 -13.59 -1.05
N ILE A 62 1.90 -14.15 0.05
CA ILE A 62 0.54 -14.67 0.07
C ILE A 62 -0.20 -14.01 1.23
N TYR A 63 -1.39 -13.49 0.96
CA TYR A 63 -2.22 -12.90 2.00
C TYR A 63 -3.34 -13.91 2.31
N HIS A 64 -3.26 -14.56 3.47
CA HIS A 64 -4.28 -15.52 3.92
C HIS A 64 -5.38 -14.65 4.52
N LEU A 65 -6.58 -14.64 3.90
CA LEU A 65 -7.65 -13.76 4.37
C LEU A 65 -9.00 -14.30 4.86
N GLN A 66 -9.07 -15.56 5.27
CA GLN A 66 -10.33 -16.17 5.72
C GLN A 66 -11.34 -15.33 6.52
N SER A 67 -11.04 -15.07 7.80
CA SER A 67 -11.93 -14.31 8.68
C SER A 67 -11.84 -12.79 8.66
N LYS A 68 -10.83 -12.26 7.98
CA LYS A 68 -10.62 -10.82 7.90
C LYS A 68 -11.47 -10.19 6.81
N VAL A 69 -12.06 -11.03 5.97
CA VAL A 69 -12.89 -10.56 4.88
C VAL A 69 -14.37 -10.56 5.26
N PRO A 70 -15.17 -9.65 4.66
CA PRO A 70 -16.59 -9.58 4.97
C PRO A 70 -17.32 -10.89 4.67
N THR A 71 -18.39 -11.13 5.43
CA THR A 71 -19.17 -12.35 5.26
C THR A 71 -19.65 -12.60 3.84
N PHE A 72 -20.08 -11.57 3.13
CA PHE A 72 -20.56 -11.80 1.77
C PHE A 72 -19.44 -12.33 0.89
N VAL A 73 -18.19 -12.07 1.29
CA VAL A 73 -17.04 -12.55 0.53
C VAL A 73 -16.71 -13.95 1.03
N ARG A 74 -16.80 -14.14 2.34
CA ARG A 74 -16.51 -15.43 2.97
C ARG A 74 -17.39 -16.55 2.42
N MET A 75 -18.71 -16.38 2.52
CA MET A 75 -19.64 -17.38 2.01
C MET A 75 -19.77 -17.13 0.51
N LEU A 76 -18.71 -17.42 -0.21
CA LEU A 76 -18.65 -17.21 -1.65
C LEU A 76 -17.76 -18.28 -2.31
N ALA A 77 -16.86 -18.87 -1.52
CA ALA A 77 -15.94 -19.89 -2.00
C ALA A 77 -15.50 -20.79 -0.85
N PRO A 78 -15.01 -22.00 -1.16
CA PRO A 78 -14.56 -22.92 -0.11
C PRO A 78 -13.40 -22.33 0.66
N GLU A 79 -13.24 -22.73 1.92
CA GLU A 79 -12.16 -22.22 2.74
C GLU A 79 -10.80 -22.40 2.07
N GLY A 80 -9.93 -21.42 2.26
CA GLY A 80 -8.60 -21.50 1.68
C GLY A 80 -8.55 -20.89 0.30
N ALA A 81 -9.70 -20.91 -0.39
CA ALA A 81 -9.79 -20.36 -1.73
C ALA A 81 -9.75 -18.84 -1.71
N LEU A 82 -9.85 -18.27 -0.51
CA LEU A 82 -9.87 -16.82 -0.35
C LEU A 82 -8.50 -16.15 -0.44
N ASN A 83 -7.43 -16.90 -0.17
CA ASN A 83 -6.08 -16.34 -0.23
C ASN A 83 -5.77 -15.70 -1.57
N ILE A 84 -4.92 -14.67 -1.53
CA ILE A 84 -4.49 -13.98 -2.74
C ILE A 84 -2.96 -13.88 -2.78
N HIS A 85 -2.40 -13.97 -3.98
CA HIS A 85 -0.95 -13.91 -4.16
C HIS A 85 -0.50 -12.55 -4.66
N GLU A 86 0.60 -12.06 -4.10
CA GLU A 86 1.14 -10.78 -4.54
C GLU A 86 2.56 -10.93 -5.07
N LYS A 87 2.75 -10.57 -6.32
CA LYS A 87 4.07 -10.62 -6.95
C LYS A 87 4.41 -9.19 -7.37
N ALA A 88 5.50 -8.66 -6.83
CA ALA A 88 5.90 -7.29 -7.15
C ALA A 88 7.34 -7.16 -7.64
N TRP A 89 7.50 -6.41 -8.72
CA TRP A 89 8.79 -6.14 -9.31
C TRP A 89 9.03 -4.69 -8.92
N ASN A 90 9.74 -4.50 -7.81
CA ASN A 90 10.02 -3.17 -7.28
C ASN A 90 11.31 -2.56 -7.86
N ALA A 91 11.17 -1.76 -8.91
CA ALA A 91 12.31 -1.08 -9.54
C ALA A 91 12.21 0.38 -9.16
N TYR A 92 12.07 0.62 -7.86
CA TYR A 92 11.93 1.97 -7.32
C TYR A 92 12.83 2.97 -8.06
N PRO A 93 12.31 4.15 -8.45
CA PRO A 93 10.96 4.75 -8.30
C PRO A 93 9.74 4.14 -8.99
N TYR A 94 9.91 3.05 -9.74
CA TYR A 94 8.75 2.45 -10.39
C TYR A 94 8.49 1.09 -9.81
N CYS A 95 7.22 0.73 -9.70
CA CYS A 95 6.88 -0.59 -9.17
C CYS A 95 5.61 -1.15 -9.79
N ARG A 96 5.62 -2.43 -10.12
CA ARG A 96 4.45 -3.09 -10.68
C ARG A 96 4.09 -4.27 -9.77
N THR A 97 2.89 -4.24 -9.22
CA THR A 97 2.41 -5.27 -8.32
C THR A 97 1.22 -6.00 -8.93
N VAL A 98 1.30 -7.32 -8.96
CA VAL A 98 0.23 -8.14 -9.52
C VAL A 98 -0.34 -9.09 -8.48
N ILE A 99 -1.62 -8.90 -8.15
CA ILE A 99 -2.29 -9.73 -7.16
C ILE A 99 -3.27 -10.66 -7.83
N THR A 100 -3.20 -11.94 -7.47
CA THR A 100 -4.06 -12.94 -8.08
C THR A 100 -4.69 -13.90 -7.07
N ASN A 101 -5.68 -14.65 -7.56
CA ASN A 101 -6.39 -15.64 -6.77
C ASN A 101 -6.43 -16.92 -7.61
N GLU A 102 -5.89 -18.00 -7.05
CA GLU A 102 -5.84 -19.29 -7.76
C GLU A 102 -7.21 -19.88 -8.09
N TYR A 103 -8.18 -19.65 -7.23
CA TYR A 103 -9.53 -20.16 -7.42
C TYR A 103 -10.26 -19.55 -8.64
N MET A 104 -10.25 -18.23 -8.75
CA MET A 104 -10.91 -17.54 -9.86
C MET A 104 -10.01 -17.45 -11.09
N LYS A 105 -8.73 -17.72 -10.90
CA LYS A 105 -7.76 -17.65 -11.99
C LYS A 105 -7.85 -16.35 -12.77
N GLU A 106 -8.14 -16.45 -14.06
CA GLU A 106 -8.21 -15.26 -14.92
C GLU A 106 -9.32 -14.26 -14.61
N ASP A 107 -10.36 -14.69 -13.90
CA ASP A 107 -11.47 -13.79 -13.58
C ASP A 107 -11.11 -12.74 -12.52
N PHE A 108 -10.01 -12.94 -11.82
CA PHE A 108 -9.61 -12.02 -10.76
C PHE A 108 -8.24 -11.38 -11.00
N LEU A 109 -8.14 -10.10 -10.66
CA LEU A 109 -6.89 -9.36 -10.80
C LEU A 109 -6.88 -8.04 -10.07
N ILE A 110 -5.85 -7.80 -9.27
CA ILE A 110 -5.72 -6.50 -8.62
C ILE A 110 -4.30 -6.10 -8.99
N LYS A 111 -4.18 -5.11 -9.86
CA LYS A 111 -2.84 -4.67 -10.24
C LYS A 111 -2.62 -3.25 -9.78
N ILE A 112 -1.46 -3.03 -9.17
CA ILE A 112 -1.10 -1.70 -8.71
C ILE A 112 0.24 -1.34 -9.35
N GLU A 113 0.22 -0.31 -10.19
CA GLU A 113 1.41 0.18 -10.87
C GLU A 113 1.70 1.55 -10.28
N THR A 114 2.89 1.71 -9.69
CA THR A 114 3.23 2.97 -9.05
C THR A 114 4.46 3.72 -9.56
N TRP A 115 4.28 5.03 -9.68
CA TRP A 115 5.36 5.93 -10.06
C TRP A 115 5.53 6.89 -8.90
N HIS A 116 6.74 6.96 -8.35
CA HIS A 116 7.05 7.85 -7.24
C HIS A 116 7.86 9.02 -7.82
N LYS A 117 7.23 10.20 -7.89
CA LYS A 117 7.87 11.39 -8.46
C LYS A 117 8.17 12.45 -7.41
N PRO A 118 9.22 13.25 -7.65
CA PRO A 118 9.64 14.31 -6.74
C PRO A 118 8.82 15.58 -6.93
N ASP A 119 7.59 15.45 -7.41
CA ASP A 119 6.75 16.61 -7.63
C ASP A 119 5.55 16.65 -6.68
N LEU A 120 4.57 17.52 -6.95
CA LEU A 120 3.40 17.62 -6.09
C LEU A 120 2.12 17.04 -6.69
N GLY A 121 2.26 15.93 -7.41
CA GLY A 121 1.12 15.26 -8.00
C GLY A 121 0.38 15.97 -9.12
N THR A 122 1.12 16.71 -9.95
CA THR A 122 0.49 17.45 -11.04
C THR A 122 0.74 16.83 -12.42
N GLN A 123 1.42 15.69 -12.47
CA GLN A 123 1.68 15.05 -13.75
C GLN A 123 0.49 14.17 -14.14
N GLU A 124 -0.08 14.43 -15.30
CA GLU A 124 -1.23 13.67 -15.79
C GLU A 124 -0.83 12.49 -16.66
N ASN A 125 -1.44 11.34 -16.38
CA ASN A 125 -1.17 10.10 -17.11
C ASN A 125 0.30 9.72 -17.06
N VAL A 126 0.88 9.77 -15.86
CA VAL A 126 2.30 9.41 -15.68
C VAL A 126 2.58 7.98 -16.12
N HIS A 127 1.56 7.12 -16.11
CA HIS A 127 1.79 5.74 -16.52
C HIS A 127 1.64 5.56 -18.02
N LYS A 128 1.42 6.68 -18.69
CA LYS A 128 1.29 6.76 -20.13
C LYS A 128 0.41 5.72 -20.81
N LEU A 129 -0.86 5.70 -20.43
CA LEU A 129 -1.83 4.79 -21.02
C LEU A 129 -2.24 5.42 -22.35
N GLU A 130 -3.38 4.98 -22.89
CA GLU A 130 -3.89 5.51 -24.14
C GLU A 130 -4.85 6.65 -23.81
N PRO A 131 -4.78 7.76 -24.55
CA PRO A 131 -5.62 8.94 -24.36
C PRO A 131 -7.06 8.77 -23.85
N GLU A 132 -7.87 7.99 -24.56
CA GLU A 132 -9.26 7.78 -24.18
C GLU A 132 -9.35 6.91 -22.93
N ALA A 133 -8.57 5.84 -22.90
CA ALA A 133 -8.56 4.93 -21.76
C ALA A 133 -8.24 5.73 -20.50
N TRP A 134 -7.25 6.60 -20.59
CA TRP A 134 -6.86 7.42 -19.46
C TRP A 134 -7.98 8.38 -19.05
N LYS A 135 -8.92 8.61 -19.96
CA LYS A 135 -10.03 9.49 -19.67
C LYS A 135 -11.02 8.80 -18.73
N HIS A 136 -11.06 7.48 -18.81
CA HIS A 136 -11.96 6.69 -17.97
C HIS A 136 -11.30 6.26 -16.68
N VAL A 137 -10.23 6.96 -16.31
CA VAL A 137 -9.51 6.68 -15.08
C VAL A 137 -9.78 7.79 -14.08
N GLU A 138 -10.53 7.47 -13.03
CA GLU A 138 -10.80 8.46 -12.01
C GLU A 138 -9.51 8.69 -11.22
N ALA A 139 -9.14 9.95 -11.07
CA ALA A 139 -7.95 10.34 -10.34
C ALA A 139 -8.40 10.78 -8.95
N ILE A 140 -7.89 10.12 -7.93
CA ILE A 140 -8.26 10.44 -6.56
C ILE A 140 -7.05 10.82 -5.72
N TYR A 141 -7.17 11.92 -5.00
CA TYR A 141 -6.11 12.42 -4.14
C TYR A 141 -6.36 11.97 -2.70
N ILE A 142 -5.34 11.45 -2.06
CA ILE A 142 -5.43 11.00 -0.68
C ILE A 142 -4.59 11.98 0.16
N ASP A 143 -5.27 12.72 1.02
CA ASP A 143 -4.65 13.71 1.90
C ASP A 143 -4.47 13.06 3.25
N ILE A 144 -3.24 12.68 3.58
CA ILE A 144 -2.98 12.02 4.85
C ILE A 144 -3.23 12.87 6.08
N ALA A 145 -3.50 14.15 5.90
CA ALA A 145 -3.77 15.02 7.06
C ALA A 145 -5.27 15.18 7.31
N ASP A 146 -6.08 14.89 6.30
CA ASP A 146 -7.54 15.04 6.35
C ASP A 146 -8.30 13.95 7.15
N ARG A 147 -8.72 14.31 8.36
CA ARG A 147 -9.45 13.41 9.26
C ARG A 147 -10.70 12.79 8.62
N SER A 148 -11.39 13.57 7.79
CA SER A 148 -12.60 13.09 7.15
C SER A 148 -12.35 12.02 6.08
N GLN A 149 -11.09 11.73 5.78
CA GLN A 149 -10.79 10.72 4.79
C GLN A 149 -10.53 9.38 5.47
N VAL A 150 -10.58 9.40 6.80
CA VAL A 150 -10.33 8.20 7.59
C VAL A 150 -11.65 7.62 8.12
N LEU A 151 -11.75 6.30 8.17
CA LEU A 151 -12.95 5.66 8.69
C LEU A 151 -12.89 5.71 10.22
N SER A 152 -13.97 6.18 10.83
CA SER A 152 -14.04 6.30 12.29
C SER A 152 -13.42 5.13 13.06
N LYS A 153 -13.75 3.91 12.66
CA LYS A 153 -13.21 2.74 13.32
C LYS A 153 -11.69 2.55 13.12
N ASP A 154 -11.13 3.20 12.09
CA ASP A 154 -9.68 3.08 11.82
C ASP A 154 -8.82 4.09 12.56
N TYR A 155 -9.42 5.21 12.92
CA TYR A 155 -8.71 6.28 13.59
C TYR A 155 -7.97 5.89 14.86
N LYS A 156 -6.76 6.43 14.98
CA LYS A 156 -5.87 6.24 16.13
C LYS A 156 -5.03 7.52 16.21
N ALA A 157 -5.24 8.30 17.26
CA ALA A 157 -4.50 9.55 17.43
C ALA A 157 -3.00 9.42 17.22
N GLU A 158 -2.42 8.29 17.62
CA GLU A 158 -0.97 8.09 17.45
C GLU A 158 -0.58 7.87 15.99
N GLU A 159 -1.58 7.68 15.15
CA GLU A 159 -1.32 7.49 13.73
C GLU A 159 -1.95 8.63 12.95
N ASP A 160 -2.13 9.77 13.62
CA ASP A 160 -2.74 10.96 13.01
C ASP A 160 -1.68 12.04 12.72
N PRO A 161 -1.30 12.22 11.44
CA PRO A 161 -0.31 13.25 11.14
C PRO A 161 -0.73 14.69 11.48
N ALA A 162 -2.03 14.94 11.66
CA ALA A 162 -2.47 16.28 12.01
C ALA A 162 -2.13 16.57 13.49
N LYS A 163 -1.52 15.59 14.15
CA LYS A 163 -1.15 15.73 15.55
C LYS A 163 0.28 15.28 15.78
N PHE A 164 0.86 14.61 14.79
CA PHE A 164 2.22 14.09 14.94
C PHE A 164 3.32 15.05 14.52
N LYS A 165 4.34 15.17 15.37
CA LYS A 165 5.48 16.00 15.08
C LYS A 165 6.74 15.18 15.29
N SER A 166 7.47 14.98 14.20
CA SER A 166 8.72 14.23 14.19
C SER A 166 9.75 14.91 15.07
N ILE A 167 10.38 14.12 15.94
CA ILE A 167 11.40 14.66 16.81
C ILE A 167 12.74 14.80 16.11
N LYS A 168 13.02 13.89 15.16
CA LYS A 168 14.29 13.91 14.42
C LYS A 168 14.35 14.88 13.23
N THR A 169 13.20 15.25 12.68
CA THR A 169 13.23 16.16 11.53
C THR A 169 12.44 17.44 11.76
N GLY A 170 11.56 17.42 12.75
CA GLY A 170 10.75 18.59 13.04
C GLY A 170 9.54 18.73 12.14
N ARG A 171 9.33 17.78 11.24
CA ARG A 171 8.19 17.84 10.34
C ARG A 171 6.89 17.48 11.08
N GLY A 172 5.79 18.12 10.69
CA GLY A 172 4.51 17.86 11.32
C GLY A 172 4.32 18.82 12.47
N PRO A 173 3.09 18.99 12.98
CA PRO A 173 1.86 18.33 12.53
C PRO A 173 1.37 18.95 11.22
N LEU A 174 0.69 18.15 10.41
CA LEU A 174 0.18 18.63 9.13
C LEU A 174 -1.17 19.33 9.30
N GLY A 175 -1.19 20.64 9.04
CA GLY A 175 -2.42 21.41 9.15
C GLY A 175 -3.28 21.27 7.92
N PRO A 176 -4.49 21.87 7.90
CA PRO A 176 -5.42 21.79 6.77
C PRO A 176 -4.84 22.23 5.44
N ASN A 177 -3.79 23.04 5.50
CA ASN A 177 -3.15 23.58 4.30
C ASN A 177 -1.67 23.22 4.22
N TRP A 178 -1.27 22.10 4.81
CA TRP A 178 0.14 21.70 4.77
C TRP A 178 0.69 21.54 3.34
N LYS A 179 -0.17 21.12 2.42
CA LYS A 179 0.21 20.94 1.02
C LYS A 179 0.68 22.25 0.44
N GLN A 180 -0.25 23.17 0.29
CA GLN A 180 0.02 24.49 -0.26
C GLN A 180 1.19 25.14 0.47
N GLU A 181 1.48 24.66 1.66
CA GLU A 181 2.58 25.21 2.45
C GLU A 181 3.92 24.65 2.02
N LEU A 182 3.94 23.39 1.56
CA LEU A 182 5.19 22.74 1.13
C LEU A 182 6.03 23.64 0.24
N VAL A 183 5.36 24.56 -0.45
CA VAL A 183 6.02 25.49 -1.35
C VAL A 183 6.69 26.71 -0.70
N ASN A 184 6.39 26.98 0.57
CA ASN A 184 6.96 28.14 1.26
C ASN A 184 8.20 27.85 2.10
N GLN A 185 8.31 26.63 2.62
CA GLN A 185 9.45 26.28 3.46
C GLN A 185 10.58 25.54 2.76
N LYS A 186 11.81 25.95 3.03
CA LYS A 186 12.99 25.33 2.45
C LYS A 186 13.05 23.91 3.00
N ASP A 187 12.61 23.76 4.24
CA ASP A 187 12.58 22.45 4.89
C ASP A 187 11.28 21.73 4.56
N CYS A 188 11.20 20.47 4.95
CA CYS A 188 10.02 19.65 4.67
C CYS A 188 10.01 19.35 3.16
N PRO A 189 10.71 18.29 2.74
CA PRO A 189 10.76 17.91 1.31
C PRO A 189 9.43 17.27 0.90
N TYR A 190 9.29 16.88 -0.37
CA TYR A 190 8.05 16.29 -0.81
C TYR A 190 8.16 15.38 -2.03
N MET A 191 7.11 14.60 -2.25
CA MET A 191 7.03 13.68 -3.37
C MET A 191 5.59 13.26 -3.54
N CYS A 192 5.32 12.48 -4.57
CA CYS A 192 3.98 11.99 -4.80
C CYS A 192 4.00 10.58 -5.37
N ALA A 193 3.20 9.69 -4.79
CA ALA A 193 3.07 8.32 -5.27
C ALA A 193 1.82 8.27 -6.15
N TYR A 194 2.00 7.99 -7.43
CA TYR A 194 0.88 7.90 -8.36
C TYR A 194 0.58 6.42 -8.48
N LYS A 195 -0.37 5.94 -7.69
CA LYS A 195 -0.70 4.51 -7.68
C LYS A 195 -1.90 4.18 -8.57
N LEU A 196 -1.62 3.60 -9.74
CA LEU A 196 -2.68 3.24 -10.66
C LEU A 196 -3.19 1.85 -10.28
N VAL A 197 -4.45 1.79 -9.91
CA VAL A 197 -5.02 0.51 -9.51
C VAL A 197 -6.04 -0.03 -10.50
N THR A 198 -5.80 -1.26 -10.94
CA THR A 198 -6.67 -1.93 -11.89
C THR A 198 -7.28 -3.11 -11.16
N VAL A 199 -8.61 -3.17 -11.12
CA VAL A 199 -9.29 -4.27 -10.47
C VAL A 199 -10.25 -4.98 -11.42
N LYS A 200 -10.11 -6.30 -11.47
CA LYS A 200 -10.95 -7.15 -12.32
C LYS A 200 -11.49 -8.28 -11.44
N PHE A 201 -12.80 -8.41 -11.41
CA PHE A 201 -13.44 -9.46 -10.64
C PHE A 201 -14.64 -9.92 -11.47
N LYS A 202 -14.35 -10.73 -12.49
CA LYS A 202 -15.40 -11.22 -13.39
C LYS A 202 -16.22 -12.37 -12.79
N TRP A 203 -17.22 -12.01 -12.01
CA TRP A 203 -18.11 -12.96 -11.37
C TRP A 203 -19.54 -12.56 -11.75
N TRP A 204 -20.28 -13.51 -12.29
CA TRP A 204 -21.65 -13.25 -12.74
C TRP A 204 -22.55 -12.61 -11.67
N GLY A 205 -22.85 -11.32 -11.86
CA GLY A 205 -23.72 -10.61 -10.94
C GLY A 205 -23.07 -9.91 -9.75
N LEU A 206 -21.76 -10.08 -9.59
CA LEU A 206 -21.06 -9.45 -8.48
C LEU A 206 -19.95 -8.53 -8.96
N GLN A 207 -19.59 -8.65 -10.23
CA GLN A 207 -18.52 -7.84 -10.81
C GLN A 207 -18.51 -6.37 -10.41
N ASN A 208 -19.61 -5.66 -10.64
CA ASN A 208 -19.68 -4.25 -10.31
C ASN A 208 -19.55 -3.97 -8.82
N LYS A 209 -20.20 -4.77 -7.99
CA LYS A 209 -20.16 -4.59 -6.55
C LYS A 209 -18.78 -4.84 -5.94
N VAL A 210 -18.16 -5.96 -6.31
CA VAL A 210 -16.85 -6.28 -5.77
C VAL A 210 -15.69 -5.45 -6.33
N GLU A 211 -15.75 -5.09 -7.61
CA GLU A 211 -14.67 -4.28 -8.19
C GLU A 211 -14.62 -2.93 -7.49
N ASN A 212 -15.79 -2.43 -7.12
CA ASN A 212 -15.90 -1.15 -6.42
C ASN A 212 -15.52 -1.35 -4.96
N PHE A 213 -15.96 -2.46 -4.38
CA PHE A 213 -15.62 -2.76 -2.99
C PHE A 213 -14.10 -2.89 -2.83
N ILE A 214 -13.45 -3.54 -3.79
CA ILE A 214 -12.01 -3.73 -3.71
C ILE A 214 -11.27 -2.38 -3.82
N HIS A 215 -11.74 -1.49 -4.69
CA HIS A 215 -11.09 -0.18 -4.80
C HIS A 215 -11.20 0.57 -3.47
N LYS A 216 -12.37 0.54 -2.84
CA LYS A 216 -12.55 1.21 -1.56
C LYS A 216 -11.60 0.66 -0.50
N GLN A 217 -11.36 -0.65 -0.52
CA GLN A 217 -10.46 -1.24 0.47
C GLN A 217 -9.03 -0.82 0.16
N GLU A 218 -8.71 -0.66 -1.13
CA GLU A 218 -7.37 -0.24 -1.50
C GLU A 218 -7.17 1.22 -1.08
N LYS A 219 -8.21 2.03 -1.29
CA LYS A 219 -8.13 3.45 -0.93
C LYS A 219 -7.97 3.57 0.58
N ARG A 220 -8.71 2.73 1.28
CA ARG A 220 -8.66 2.69 2.73
C ARG A 220 -7.26 2.28 3.18
N LEU A 221 -6.72 1.23 2.57
CA LEU A 221 -5.37 0.75 2.90
C LEU A 221 -4.31 1.82 2.63
N PHE A 222 -4.40 2.49 1.48
CA PHE A 222 -3.42 3.53 1.12
C PHE A 222 -3.46 4.68 2.11
N THR A 223 -4.67 5.06 2.53
CA THR A 223 -4.83 6.16 3.48
C THR A 223 -4.19 5.83 4.83
N ASN A 224 -4.61 4.72 5.44
CA ASN A 224 -4.05 4.32 6.73
C ASN A 224 -2.56 4.02 6.66
N PHE A 225 -2.12 3.35 5.60
CA PHE A 225 -0.71 3.02 5.42
C PHE A 225 0.18 4.26 5.42
N HIS A 226 -0.19 5.25 4.62
CA HIS A 226 0.63 6.46 4.55
C HIS A 226 0.55 7.37 5.78
N ARG A 227 -0.58 7.31 6.48
CA ARG A 227 -0.71 8.12 7.68
C ARG A 227 0.23 7.48 8.70
N GLN A 228 0.33 6.15 8.66
CA GLN A 228 1.22 5.42 9.56
C GLN A 228 2.69 5.64 9.20
N LEU A 229 2.98 5.63 7.89
CA LEU A 229 4.36 5.83 7.41
C LEU A 229 4.91 7.16 7.88
N PHE A 230 4.11 8.21 7.78
CA PHE A 230 4.54 9.53 8.23
C PHE A 230 4.75 9.52 9.75
N CYS A 231 3.76 9.02 10.47
CA CYS A 231 3.84 9.00 11.93
C CYS A 231 4.95 8.09 12.44
N TRP A 232 5.48 7.22 11.58
CA TRP A 232 6.59 6.37 11.99
C TRP A 232 7.90 6.99 11.51
N LEU A 233 7.84 8.22 11.00
CA LEU A 233 9.04 8.88 10.47
C LEU A 233 10.29 8.76 11.33
N ASP A 234 10.16 8.95 12.65
CA ASP A 234 11.33 8.85 13.49
C ASP A 234 11.88 7.43 13.64
N LYS A 235 11.06 6.43 13.35
CA LYS A 235 11.50 5.04 13.46
C LYS A 235 12.31 4.56 12.26
N TRP A 236 12.12 5.18 11.09
CA TRP A 236 12.85 4.73 9.90
C TRP A 236 13.67 5.74 9.10
N VAL A 237 13.52 7.03 9.38
CA VAL A 237 14.25 8.03 8.60
C VAL A 237 15.77 7.85 8.57
N ASP A 238 16.35 7.32 9.64
CA ASP A 238 17.80 7.11 9.73
C ASP A 238 18.27 5.74 9.25
N LEU A 239 17.33 4.89 8.87
CA LEU A 239 17.68 3.57 8.39
C LEU A 239 18.23 3.70 6.97
N THR A 240 19.15 2.83 6.62
CA THR A 240 19.71 2.83 5.27
C THR A 240 19.04 1.67 4.55
N MET A 241 19.34 1.51 3.26
CA MET A 241 18.77 0.41 2.49
C MET A 241 19.32 -0.91 3.02
N ASP A 242 20.55 -0.84 3.54
CA ASP A 242 21.21 -2.03 4.09
C ASP A 242 20.49 -2.50 5.36
N ASP A 243 19.94 -1.56 6.13
CA ASP A 243 19.23 -1.90 7.36
C ASP A 243 17.92 -2.59 7.03
N ILE A 244 17.29 -2.12 5.95
CA ILE A 244 16.02 -2.66 5.50
C ILE A 244 16.16 -4.14 5.14
N ARG A 245 17.12 -4.45 4.26
CA ARG A 245 17.35 -5.83 3.83
C ARG A 245 17.44 -6.78 5.02
N ARG A 246 18.27 -6.44 6.00
CA ARG A 246 18.42 -7.27 7.19
C ARG A 246 17.08 -7.38 7.90
N MET A 247 16.44 -6.23 8.10
CA MET A 247 15.15 -6.19 8.77
C MET A 247 14.08 -7.00 8.05
N GLU A 248 14.18 -7.12 6.73
CA GLU A 248 13.20 -7.88 5.97
C GLU A 248 13.32 -9.39 6.19
N GLU A 249 14.55 -9.88 6.27
CA GLU A 249 14.79 -11.31 6.50
C GLU A 249 14.28 -11.74 7.87
N GLU A 250 14.33 -10.81 8.82
CA GLU A 250 13.87 -11.08 10.18
C GLU A 250 12.34 -11.04 10.17
N THR A 251 11.79 -10.05 9.48
CA THR A 251 10.34 -9.90 9.38
C THR A 251 9.69 -11.16 8.82
N LYS A 252 10.32 -11.73 7.79
CA LYS A 252 9.80 -12.94 7.14
C LYS A 252 9.69 -14.05 8.18
N ARG A 253 10.70 -14.19 9.03
CA ARG A 253 10.68 -15.22 10.07
C ARG A 253 9.56 -14.88 11.04
N GLN A 254 9.54 -13.63 11.47
CA GLN A 254 8.55 -13.15 12.42
C GLN A 254 7.12 -13.38 11.93
N LEU A 255 6.86 -13.07 10.66
CA LEU A 255 5.53 -13.26 10.10
C LEU A 255 5.10 -14.73 10.21
N ASP A 256 6.01 -15.64 9.88
CA ASP A 256 5.71 -17.06 9.97
C ASP A 256 5.43 -17.46 11.41
N GLU A 257 6.34 -17.10 12.33
CA GLU A 257 6.15 -17.41 13.74
C GLU A 257 4.82 -16.88 14.27
N MET A 258 4.57 -15.59 14.07
CA MET A 258 3.34 -14.96 14.54
C MET A 258 2.08 -15.60 13.96
N ARG A 259 2.15 -15.97 12.70
CA ARG A 259 1.03 -16.57 11.99
C ARG A 259 0.58 -17.91 12.60
N GLN A 260 1.52 -18.66 13.16
CA GLN A 260 1.21 -19.96 13.76
C GLN A 260 0.78 -19.89 15.23
N LYS A 261 1.37 -18.99 16.01
CA LYS A 261 1.03 -18.87 17.42
C LYS A 261 -0.09 -17.87 17.69
N ASP A 262 0.26 -16.59 17.70
CA ASP A 262 -0.70 -15.52 17.96
C ASP A 262 -2.07 -15.80 17.37
N PRO A 263 -3.12 -15.24 17.97
CA PRO A 263 -4.47 -15.45 17.45
C PRO A 263 -4.64 -14.41 16.34
N VAL A 264 -5.72 -14.50 15.59
CA VAL A 264 -6.00 -13.54 14.52
C VAL A 264 -5.97 -12.12 15.10
N LYS A 265 -5.38 -11.18 14.36
CA LYS A 265 -5.35 -9.80 14.84
C LYS A 265 -5.35 -8.80 13.68
N GLY A 266 -5.60 -7.54 14.00
CA GLY A 266 -5.65 -6.51 12.99
C GLY A 266 -7.07 -6.06 12.70
N MET A 267 -7.30 -5.53 11.50
CA MET A 267 -8.62 -5.05 11.11
C MET A 267 -9.65 -6.17 11.00
N THR A 268 -10.65 -6.14 11.88
CA THR A 268 -11.72 -7.14 11.88
C THR A 268 -12.65 -6.90 10.70
N ALA A 269 -13.33 -7.97 10.26
CA ALA A 269 -14.25 -7.88 9.13
C ALA A 269 -15.19 -6.69 9.33
N ASP A 270 -15.74 -6.19 8.23
CA ASP A 270 -16.63 -5.04 8.27
C ASP A 270 -17.18 -4.70 6.88
C1 PCW B . -0.49 -1.91 -3.09
C2 PCW B . -0.79 -2.65 -1.78
C3 PCW B . -0.89 -4.16 -2.07
C4 PCW B . 3.59 -3.76 -2.47
C5 PCW B . 4.95 -3.91 -3.24
C6 PCW B . 7.37 -3.84 -3.13
C7 PCW B . 6.16 -2.26 -1.77
C8 PCW B . 6.20 -4.63 -1.20
C11 PCW B . -2.81 -5.26 -0.91
C12 PCW B . -3.28 -5.82 0.42
C13 PCW B . -4.28 -6.95 0.24
C14 PCW B . -5.69 -6.58 0.69
C15 PCW B . -6.53 -5.95 -0.42
C16 PCW B . -7.88 -5.45 0.05
C17 PCW B . -9.04 -6.03 -0.73
C18 PCW B . -9.57 -7.33 -0.14
C19 PCW B . -11.04 -7.56 -0.60
C20 PCW B . -11.37 -8.82 -0.98
C21 PCW B . -10.26 -9.89 -0.94
C22 PCW B . -10.36 -10.80 -2.16
C23 PCW B . -10.70 -12.24 -1.81
C24 PCW B . -10.63 -13.17 -3.00
C25 PCW B . -11.98 -13.44 -3.64
C26 PCW B . -12.02 -14.74 -4.41
C27 PCW B . -12.78 -15.84 -3.68
C28 PCW B . -13.74 -16.53 -4.64
C31 PCW B . 0.39 -1.40 0.04
C32 PCW B . 1.39 -1.59 1.14
C33 PCW B . 0.76 -2.30 2.34
C34 PCW B . 0.93 -3.82 2.32
C35 PCW B . 0.94 -4.46 3.71
C36 PCW B . -0.45 -4.59 4.34
C37 PCW B . -0.76 -6.00 4.85
C38 PCW B . -2.18 -6.44 4.57
C39 PCW B . -2.49 -7.74 5.31
C40 PCW B . -3.80 -8.08 5.50
C41 PCW B . -4.86 -7.10 4.93
C42 PCW B . -6.11 -7.15 5.80
C43 PCW B . -7.30 -6.41 5.19
C44 PCW B . -8.34 -7.33 4.57
C45 PCW B . -9.43 -6.60 3.82
C46 PCW B . -10.84 -7.05 4.21
C47 PCW B . -11.92 -6.00 3.92
C48 PCW B . -12.70 -5.58 5.16
N PCW B . 6.14 -3.66 -2.32
O2 PCW B . 0.33 -2.57 -0.96
O3 PCW B . -1.34 -4.87 -0.91
O11 PCW B . -3.61 -5.14 -1.86
O31 PCW B . -0.30 -0.36 -0.03
O1P PCW B . 1.86 -0.36 -3.06
O2P PCW B . 2.86 -1.80 -4.75
O3P PCW B . 0.66 -2.48 -3.74
O4P PCW B . 3.09 -2.41 -2.37
P PCW B . 2.11 -1.77 -3.47
#